data_7PN9
#
_entry.id   7PN9
#
_cell.length_a   51.088
_cell.length_b   57.783
_cell.length_c   60.859
_cell.angle_alpha   90.000
_cell.angle_beta   109.500
_cell.angle_gamma   90.000
#
_symmetry.space_group_name_H-M   'P 1 21 1'
#
loop_
_entity.id
_entity.type
_entity.pdbx_description
1 polymer 'Aromatic peroxygenase'
2 non-polymer 'PROTOPORPHYRIN IX CONTAINING FE'
3 non-polymer 'MAGNESIUM ION'
4 non-polymer 'CHLORIDE ION'
5 non-polymer 2-acetamido-2-deoxy-beta-D-glucopyranose
6 non-polymer 'PHOSPHATE ION'
7 non-polymer GLYCEROL
8 non-polymer 'LAURIC ACID'
9 water water
#
_entity_poly.entity_id   1
_entity_poly.type   'polypeptide(L)'
_entity_poly.pdbx_seq_one_letter_code
;EPGLPPGPLENSSAKLVNDEAHPWKPLRPGDIRGPCPGLNTLASHGYLPRNGVATPAQIINAVQEGFNFDNQAAIFLTYA
AHLVDGNLITDLLSIGRKTRLTGPDPPPPASVGGLNEHGTFEGDASMTRGDAFFGNNHDFNETLFEQLVDYSNRFGGGKY
NLTVAGELRFKRIQDSIATNPNFSFVDFRFFTAYGETTFPANLFVDGRRDDGQLDMDAARSFFQFSRMPDDFFRAPSPRS
GTGVEVVVQAHPMQPGRNVGKINSYTVDPTSSDFSTPCLMYEKFVNITVKSLYPNPTVQLRKALNTNLDFLFQGVAAGCT
QVFPYGRD
;
_entity_poly.pdbx_strand_id   A
#
# COMPACT_ATOMS: atom_id res chain seq x y z
N GLY A 3 2.31 -8.29 -19.22
CA GLY A 3 1.60 -9.60 -19.05
C GLY A 3 0.26 -9.41 -18.36
N LEU A 4 -0.64 -10.37 -18.48
CA LEU A 4 -2.03 -10.26 -17.95
C LEU A 4 -2.00 -10.27 -16.43
N PRO A 5 -2.96 -9.58 -15.79
CA PRO A 5 -3.15 -9.75 -14.36
C PRO A 5 -3.33 -11.25 -14.12
N PRO A 6 -2.57 -11.83 -13.19
CA PRO A 6 -2.87 -13.17 -12.70
C PRO A 6 -4.28 -13.26 -12.11
N GLY A 7 -4.85 -14.45 -12.18
CA GLY A 7 -6.18 -14.76 -11.64
C GLY A 7 -6.02 -15.21 -10.18
N PRO A 8 -7.13 -15.48 -9.46
CA PRO A 8 -7.05 -15.82 -8.04
C PRO A 8 -6.30 -17.16 -7.83
N LEU A 9 -5.88 -17.43 -6.60
CA LEU A 9 -5.24 -18.72 -6.26
C LEU A 9 -6.18 -19.87 -6.63
N GLU A 10 -5.64 -20.91 -7.26
CA GLU A 10 -6.39 -22.17 -7.52
C GLU A 10 -6.64 -22.85 -6.16
N ASN A 11 -5.71 -22.70 -5.21
CA ASN A 11 -5.82 -23.32 -3.87
C ASN A 11 -5.46 -22.29 -2.80
N SER A 12 -6.47 -21.78 -2.06
CA SER A 12 -6.30 -20.62 -1.13
C SER A 12 -6.24 -21.08 0.34
N SER A 13 -5.84 -22.32 0.61
CA SER A 13 -5.76 -22.87 1.99
C SER A 13 -4.62 -22.20 2.75
N ALA A 14 -4.73 -22.11 4.08
CA ALA A 14 -3.58 -21.78 4.94
C ALA A 14 -2.45 -22.76 4.62
N LYS A 15 -1.22 -22.29 4.49
CA LYS A 15 -0.07 -23.20 4.31
C LYS A 15 1.18 -22.48 4.79
N LEU A 16 2.22 -23.24 5.09
CA LEU A 16 3.53 -22.68 5.43
C LEU A 16 4.06 -21.92 4.21
N VAL A 17 4.36 -20.63 4.39
CA VAL A 17 4.92 -19.75 3.31
C VAL A 17 6.36 -19.38 3.68
N ASN A 18 6.75 -19.52 4.95
CA ASN A 18 8.16 -19.47 5.41
C ASN A 18 8.77 -20.86 5.24
N ASP A 19 9.00 -21.28 4.00
CA ASP A 19 9.32 -22.69 3.68
C ASP A 19 10.75 -22.77 3.15
N GLU A 20 11.16 -23.95 2.68
CA GLU A 20 12.55 -24.19 2.21
C GLU A 20 12.82 -23.37 0.93
N ALA A 21 11.82 -23.13 0.09
CA ALA A 21 11.96 -22.45 -1.22
C ALA A 21 11.92 -20.92 -1.06
N HIS A 22 11.56 -20.41 0.13
CA HIS A 22 11.37 -18.96 0.39
C HIS A 22 11.98 -18.57 1.72
N PRO A 23 13.31 -18.77 1.91
CA PRO A 23 13.95 -18.41 3.16
C PRO A 23 14.15 -16.89 3.27
N TRP A 24 14.10 -16.37 4.48
CA TRP A 24 14.48 -14.97 4.74
C TRP A 24 15.97 -14.81 4.43
N LYS A 25 16.35 -13.77 3.69
CA LYS A 25 17.77 -13.39 3.52
C LYS A 25 17.90 -11.91 3.83
N PRO A 26 19.03 -11.49 4.45
CA PRO A 26 19.34 -10.07 4.61
C PRO A 26 19.57 -9.38 3.25
N LEU A 27 19.52 -8.05 3.28
CA LEU A 27 19.72 -7.19 2.08
C LEU A 27 21.15 -7.33 1.59
N ARG A 28 21.34 -7.46 0.28
CA ARG A 28 22.66 -7.29 -0.37
C ARG A 28 22.79 -5.82 -0.75
N PRO A 29 24.00 -5.33 -1.07
CA PRO A 29 24.14 -4.00 -1.66
C PRO A 29 23.27 -3.90 -2.91
N GLY A 30 22.53 -2.79 -3.04
CA GLY A 30 21.61 -2.55 -4.17
C GLY A 30 20.19 -2.98 -3.87
N ASP A 31 19.95 -3.83 -2.86
CA ASP A 31 18.59 -4.40 -2.65
C ASP A 31 17.67 -3.29 -2.13
N ILE A 32 16.51 -3.15 -2.74
CA ILE A 32 15.58 -2.02 -2.49
C ILE A 32 14.46 -2.52 -1.56
N ARG A 33 14.24 -1.84 -0.44
CA ARG A 33 13.03 -2.01 0.41
C ARG A 33 12.37 -0.63 0.55
N GLY A 34 11.05 -0.59 0.73
CA GLY A 34 10.29 0.67 0.75
C GLY A 34 9.36 0.76 1.94
N PRO A 35 8.24 1.49 1.77
CA PRO A 35 7.30 1.80 2.85
C PRO A 35 6.28 0.69 3.16
N CYS A 36 6.22 -0.33 2.31
CA CYS A 36 5.24 -1.44 2.42
C CYS A 36 5.91 -2.65 3.07
N PRO A 37 5.56 -3.01 4.32
CA PRO A 37 6.15 -4.18 4.96
C PRO A 37 5.72 -5.51 4.31
N GLY A 38 4.59 -5.51 3.60
CA GLY A 38 4.10 -6.69 2.85
C GLY A 38 5.02 -7.06 1.71
N LEU A 39 5.19 -6.14 0.76
CA LEU A 39 6.06 -6.34 -0.44
C LEU A 39 7.49 -6.52 0.04
N ASN A 40 7.89 -5.81 1.09
CA ASN A 40 9.27 -5.89 1.63
C ASN A 40 9.52 -7.33 2.09
N THR A 41 8.56 -7.92 2.81
CA THR A 41 8.65 -9.30 3.31
C THR A 41 8.72 -10.30 2.15
N LEU A 42 7.91 -10.09 1.11
CA LEU A 42 7.87 -11.00 -0.06
C LEU A 42 9.21 -10.92 -0.82
N ALA A 43 9.81 -9.74 -0.93
CA ALA A 43 11.15 -9.61 -1.55
C ALA A 43 12.19 -10.32 -0.68
N SER A 44 12.14 -10.16 0.65
CA SER A 44 13.13 -10.73 1.60
C SER A 44 12.95 -12.25 1.78
N HIS A 45 11.84 -12.81 1.30
CA HIS A 45 11.63 -14.28 1.27
C HIS A 45 11.72 -14.81 -0.17
N GLY A 46 12.05 -13.97 -1.14
CA GLY A 46 12.22 -14.38 -2.56
C GLY A 46 10.91 -14.76 -3.23
N TYR A 47 9.77 -14.31 -2.70
CA TYR A 47 8.46 -14.37 -3.39
C TYR A 47 8.45 -13.29 -4.48
N LEU A 48 9.19 -12.21 -4.24
CA LEU A 48 9.51 -11.21 -5.28
C LEU A 48 11.01 -11.32 -5.52
N PRO A 49 11.56 -10.86 -6.68
CA PRO A 49 13.01 -10.69 -6.79
C PRO A 49 13.55 -9.99 -5.53
N ARG A 50 14.67 -10.47 -4.99
CA ARG A 50 15.19 -10.00 -3.68
C ARG A 50 15.73 -8.56 -3.78
N ASN A 51 15.95 -8.04 -5.00
CA ASN A 51 16.49 -6.67 -5.19
C ASN A 51 15.37 -5.64 -5.08
N GLY A 52 14.11 -6.06 -4.93
CA GLY A 52 12.94 -5.16 -4.73
C GLY A 52 12.47 -4.50 -6.01
N VAL A 53 12.82 -5.04 -7.16
CA VAL A 53 12.32 -4.56 -8.49
C VAL A 53 11.55 -5.71 -9.12
N ALA A 54 10.30 -5.48 -9.52
CA ALA A 54 9.36 -6.55 -9.94
C ALA A 54 8.41 -6.07 -11.03
N THR A 55 7.85 -7.01 -11.80
CA THR A 55 6.69 -6.74 -12.70
C THR A 55 5.40 -6.69 -11.87
N PRO A 56 4.35 -5.98 -12.35
CA PRO A 56 3.03 -6.09 -11.75
C PRO A 56 2.58 -7.55 -11.55
N ALA A 57 2.77 -8.40 -12.57
CA ALA A 57 2.34 -9.82 -12.50
C ALA A 57 3.10 -10.50 -11.35
N GLN A 58 4.37 -10.17 -11.16
CA GLN A 58 5.17 -10.79 -10.07
C GLN A 58 4.59 -10.35 -8.72
N ILE A 59 4.19 -9.08 -8.59
CA ILE A 59 3.70 -8.54 -7.30
C ILE A 59 2.37 -9.21 -6.97
N ILE A 60 1.50 -9.33 -7.97
CA ILE A 60 0.15 -9.93 -7.80
C ILE A 60 0.31 -11.39 -7.34
N ASN A 61 1.11 -12.18 -8.05
CA ASN A 61 1.36 -13.59 -7.67
C ASN A 61 1.97 -13.65 -6.27
N ALA A 62 2.92 -12.78 -5.95
CA ALA A 62 3.61 -12.78 -4.64
C ALA A 62 2.60 -12.51 -3.51
N VAL A 63 1.74 -11.48 -3.63
CA VAL A 63 0.91 -11.08 -2.46
C VAL A 63 -0.14 -12.18 -2.25
N GLN A 64 -0.56 -12.83 -3.33
CA GLN A 64 -1.56 -13.92 -3.23
C GLN A 64 -0.88 -15.13 -2.60
N GLU A 65 0.19 -15.61 -3.22
N GLU A 65 0.21 -15.62 -3.19
CA GLU A 65 0.87 -16.88 -2.83
CA GLU A 65 0.79 -16.92 -2.79
C GLU A 65 1.43 -16.75 -1.41
C GLU A 65 1.50 -16.79 -1.43
N GLY A 66 2.06 -15.62 -1.10
CA GLY A 66 2.78 -15.38 0.17
C GLY A 66 1.84 -15.11 1.34
N PHE A 67 0.75 -14.37 1.12
CA PHE A 67 -0.08 -13.79 2.20
C PHE A 67 -1.58 -14.03 2.00
N ASN A 68 -2.00 -14.53 0.83
CA ASN A 68 -3.42 -14.77 0.51
C ASN A 68 -4.15 -13.42 0.45
N PHE A 69 -3.48 -12.41 -0.11
CA PHE A 69 -4.13 -11.13 -0.49
C PHE A 69 -5.17 -11.46 -1.57
N ASP A 70 -6.37 -10.89 -1.52
CA ASP A 70 -7.41 -11.27 -2.52
C ASP A 70 -7.10 -10.62 -3.88
N ASN A 71 -7.57 -11.29 -4.92
CA ASN A 71 -7.19 -11.01 -6.32
C ASN A 71 -7.54 -9.56 -6.68
N GLN A 72 -8.76 -9.13 -6.36
CA GLN A 72 -9.27 -7.80 -6.79
C GLN A 72 -8.41 -6.70 -6.14
N ALA A 73 -8.18 -6.77 -4.83
CA ALA A 73 -7.32 -5.83 -4.08
C ALA A 73 -5.92 -5.82 -4.69
N ALA A 74 -5.33 -7.00 -4.90
CA ALA A 74 -3.97 -7.18 -5.47
C ALA A 74 -3.89 -6.45 -6.82
N ILE A 75 -4.88 -6.66 -7.69
CA ILE A 75 -4.90 -6.02 -9.04
C ILE A 75 -5.00 -4.50 -8.85
N PHE A 76 -6.00 -3.99 -8.13
CA PHE A 76 -6.21 -2.54 -8.00
C PHE A 76 -4.93 -1.88 -7.47
N LEU A 77 -4.40 -2.35 -6.33
CA LEU A 77 -3.25 -1.71 -5.66
C LEU A 77 -2.01 -1.80 -6.53
N THR A 78 -1.76 -2.94 -7.17
CA THR A 78 -0.54 -3.16 -7.99
C THR A 78 -0.56 -2.21 -9.19
N TYR A 79 -1.63 -2.18 -9.99
CA TYR A 79 -1.67 -1.35 -11.22
C TYR A 79 -1.76 0.13 -10.84
N ALA A 80 -2.33 0.48 -9.70
CA ALA A 80 -2.37 1.90 -9.29
C ALA A 80 -0.93 2.34 -8.99
N ALA A 81 -0.20 1.58 -8.18
CA ALA A 81 1.21 1.86 -7.87
C ALA A 81 2.04 1.90 -9.17
N HIS A 82 1.81 0.97 -10.10
CA HIS A 82 2.63 0.84 -11.35
C HIS A 82 2.42 2.08 -12.22
N LEU A 83 1.18 2.51 -12.37
CA LEU A 83 0.81 3.67 -13.23
C LEU A 83 1.52 4.94 -12.75
N VAL A 84 1.60 5.16 -11.44
CA VAL A 84 2.15 6.43 -10.87
C VAL A 84 3.64 6.30 -10.51
N ASP A 85 4.16 5.08 -10.26
CA ASP A 85 5.53 4.90 -9.69
C ASP A 85 6.42 3.97 -10.55
N GLY A 86 5.83 3.21 -11.47
CA GLY A 86 6.51 2.17 -12.24
C GLY A 86 6.85 2.63 -13.64
N ASN A 87 7.66 1.85 -14.33
CA ASN A 87 8.02 2.10 -15.75
C ASN A 87 7.06 1.29 -16.63
N LEU A 88 6.26 1.98 -17.42
CA LEU A 88 5.14 1.36 -18.18
C LEU A 88 5.67 0.65 -19.43
N ILE A 89 6.86 1.04 -19.90
CA ILE A 89 7.52 0.45 -21.10
C ILE A 89 8.27 -0.80 -20.67
N THR A 90 9.06 -0.75 -19.60
CA THR A 90 9.83 -1.91 -19.08
C THR A 90 8.91 -2.85 -18.28
N ASP A 91 7.77 -2.39 -17.78
CA ASP A 91 6.85 -3.18 -16.92
C ASP A 91 7.53 -3.51 -15.58
N LEU A 92 8.38 -2.63 -15.08
CA LEU A 92 9.09 -2.83 -13.80
C LEU A 92 8.70 -1.73 -12.82
N LEU A 93 8.53 -2.08 -11.55
CA LEU A 93 8.26 -1.15 -10.43
C LEU A 93 9.23 -1.45 -9.28
N SER A 94 9.92 -0.41 -8.80
CA SER A 94 10.67 -0.44 -7.53
C SER A 94 9.71 -0.45 -6.34
N ILE A 95 9.88 -1.38 -5.41
CA ILE A 95 9.06 -1.38 -4.16
C ILE A 95 9.64 -0.36 -3.17
N GLY A 96 10.68 0.39 -3.56
CA GLY A 96 11.28 1.42 -2.67
C GLY A 96 11.74 2.64 -3.46
N ARG A 97 13.03 2.94 -3.41
CA ARG A 97 13.64 4.16 -3.99
C ARG A 97 13.61 4.07 -5.53
N LYS A 98 13.74 5.23 -6.16
CA LYS A 98 13.95 5.33 -7.62
C LYS A 98 15.24 4.58 -7.94
N THR A 99 15.24 3.84 -9.03
CA THR A 99 16.37 2.99 -9.43
C THR A 99 16.49 2.99 -10.96
N ARG A 100 17.71 3.06 -11.48
CA ARG A 100 17.98 2.90 -12.93
C ARG A 100 17.59 1.49 -13.38
N LEU A 101 17.37 0.54 -12.44
CA LEU A 101 16.98 -0.86 -12.75
C LEU A 101 15.56 -0.91 -13.35
N THR A 102 14.73 0.14 -13.23
CA THR A 102 13.38 0.15 -13.86
C THR A 102 13.49 0.50 -15.34
N GLY A 103 14.63 1.02 -15.80
CA GLY A 103 14.96 1.17 -17.23
C GLY A 103 14.95 2.63 -17.68
N PRO A 104 15.07 2.94 -18.99
CA PRO A 104 15.04 4.33 -19.45
C PRO A 104 13.72 5.03 -19.09
N ASP A 105 13.79 6.20 -18.46
CA ASP A 105 12.64 6.95 -17.91
C ASP A 105 11.78 7.55 -19.03
N PRO A 106 10.46 7.73 -18.78
CA PRO A 106 9.62 8.55 -19.64
C PRO A 106 9.90 10.02 -19.37
N PRO A 107 9.42 10.93 -20.25
CA PRO A 107 9.63 12.36 -20.02
C PRO A 107 8.89 12.84 -18.77
N PRO A 108 9.37 13.90 -18.08
CA PRO A 108 8.63 14.46 -16.94
C PRO A 108 7.28 14.97 -17.44
N PRO A 109 6.27 15.18 -16.58
CA PRO A 109 6.40 15.12 -15.11
C PRO A 109 6.36 13.72 -14.47
N ALA A 110 6.27 12.64 -15.25
CA ALA A 110 6.33 11.25 -14.73
C ALA A 110 7.68 11.08 -14.04
N SER A 111 7.69 10.63 -12.78
CA SER A 111 8.89 10.55 -11.91
C SER A 111 9.47 9.15 -11.93
N VAL A 112 8.63 8.12 -12.15
CA VAL A 112 8.97 6.67 -12.04
C VAL A 112 9.83 6.52 -10.77
N GLY A 113 9.31 7.00 -9.64
CA GLY A 113 10.06 7.21 -8.40
C GLY A 113 9.98 6.02 -7.46
N GLY A 114 9.34 4.92 -7.89
CA GLY A 114 9.12 3.75 -7.03
C GLY A 114 8.12 4.06 -5.92
N LEU A 115 7.78 3.06 -5.12
CA LEU A 115 6.81 3.24 -3.99
C LEU A 115 7.29 4.29 -2.99
N ASN A 116 8.57 4.62 -2.94
CA ASN A 116 9.04 5.71 -2.05
C ASN A 116 8.53 7.07 -2.54
N GLU A 117 8.06 7.20 -3.78
CA GLU A 117 7.67 8.51 -4.34
C GLU A 117 6.53 9.06 -3.48
N HIS A 118 6.70 10.25 -2.91
CA HIS A 118 5.70 10.83 -1.99
C HIS A 118 4.57 11.44 -2.81
N GLY A 119 3.32 11.23 -2.39
CA GLY A 119 2.18 11.97 -2.93
C GLY A 119 1.50 11.23 -4.06
N THR A 120 2.12 10.17 -4.63
CA THR A 120 1.54 9.33 -5.70
C THR A 120 0.75 8.19 -5.07
N PHE A 121 1.42 7.21 -4.46
CA PHE A 121 0.77 6.14 -3.67
C PHE A 121 1.08 6.37 -2.19
N GLU A 122 2.37 6.41 -1.85
CA GLU A 122 2.86 6.61 -0.47
C GLU A 122 2.27 7.93 0.05
N GLY A 123 1.91 7.98 1.34
CA GLY A 123 1.48 9.26 1.94
C GLY A 123 1.59 9.31 3.45
N ASP A 124 1.08 10.40 3.99
CA ASP A 124 1.25 10.79 5.41
C ASP A 124 0.40 9.90 6.33
N ALA A 125 0.64 10.01 7.63
CA ALA A 125 -0.01 9.29 8.74
C ALA A 125 0.18 7.77 8.57
N SER A 126 1.30 7.34 7.97
CA SER A 126 1.79 5.94 8.01
C SER A 126 1.96 5.54 9.48
N MET A 127 1.84 4.24 9.80
CA MET A 127 1.88 3.76 11.20
C MET A 127 3.32 3.66 11.70
N THR A 128 4.27 3.17 10.89
CA THR A 128 5.65 2.84 11.33
C THR A 128 6.71 3.57 10.48
N ARG A 129 6.26 4.41 9.56
CA ARG A 129 7.09 5.30 8.70
C ARG A 129 6.69 6.75 8.96
N GLY A 130 7.67 7.66 8.98
CA GLY A 130 7.42 9.11 9.14
C GLY A 130 6.85 9.75 7.87
N ASP A 131 6.19 10.89 8.03
CA ASP A 131 5.71 11.75 6.92
C ASP A 131 6.95 12.22 6.14
N ALA A 132 6.86 12.31 4.81
CA ALA A 132 7.94 12.75 3.89
C ALA A 132 8.51 14.12 4.29
N PHE A 133 7.69 15.01 4.84
CA PHE A 133 8.10 16.37 5.34
C PHE A 133 9.21 16.28 6.40
N PHE A 134 9.22 15.20 7.19
CA PHE A 134 10.19 14.98 8.29
C PHE A 134 11.45 14.27 7.78
N GLY A 135 11.51 13.94 6.49
CA GLY A 135 12.77 13.62 5.78
C GLY A 135 12.94 12.16 5.38
N ASN A 136 12.00 11.26 5.72
CA ASN A 136 12.12 9.81 5.38
C ASN A 136 10.75 9.14 5.42
N ASN A 137 10.17 8.82 4.26
CA ASN A 137 8.81 8.24 4.13
C ASN A 137 8.84 6.70 4.01
N HIS A 138 9.97 6.05 4.20
CA HIS A 138 10.11 4.63 3.79
C HIS A 138 10.81 3.78 4.84
N ASP A 139 11.72 4.31 5.65
CA ASP A 139 12.45 3.44 6.61
C ASP A 139 11.55 3.13 7.80
N PHE A 140 11.70 1.92 8.35
CA PHE A 140 11.12 1.54 9.64
C PHE A 140 11.53 2.60 10.68
N ASN A 141 10.61 3.00 11.54
CA ASN A 141 10.86 3.99 12.59
C ASN A 141 10.56 3.37 13.95
N GLU A 142 11.57 3.28 14.81
CA GLU A 142 11.51 2.60 16.13
C GLU A 142 10.54 3.36 17.05
N THR A 143 10.57 4.69 17.09
CA THR A 143 9.66 5.52 17.93
C THR A 143 8.19 5.25 17.54
N LEU A 144 7.88 5.31 16.25
CA LEU A 144 6.51 5.06 15.71
C LEU A 144 6.10 3.62 16.06
N PHE A 145 6.99 2.65 15.87
CA PHE A 145 6.64 1.23 16.14
C PHE A 145 6.37 1.04 17.63
N GLU A 146 7.12 1.74 18.49
CA GLU A 146 6.93 1.71 19.95
C GLU A 146 5.56 2.34 20.29
N GLN A 147 5.09 3.30 19.49
CA GLN A 147 3.73 3.84 19.66
C GLN A 147 2.69 2.78 19.22
N LEU A 148 2.95 2.02 18.17
CA LEU A 148 2.06 0.90 17.77
C LEU A 148 1.98 -0.12 18.90
N VAL A 149 3.11 -0.43 19.53
CA VAL A 149 3.19 -1.39 20.66
C VAL A 149 2.37 -0.84 21.82
N ASP A 150 2.55 0.44 22.14
CA ASP A 150 1.82 1.14 23.23
C ASP A 150 0.31 1.05 22.98
N TYR A 151 -0.14 1.42 21.78
CA TYR A 151 -1.57 1.34 21.35
C TYR A 151 -2.04 -0.12 21.41
N SER A 152 -1.20 -1.11 21.11
CA SER A 152 -1.54 -2.55 21.23
C SER A 152 -1.73 -2.95 22.70
N ASN A 153 -0.89 -2.43 23.59
CA ASN A 153 -1.00 -2.67 25.05
C ASN A 153 -2.29 -2.04 25.57
N ARG A 154 -2.61 -0.82 25.14
CA ARG A 154 -3.76 -0.05 25.69
C ARG A 154 -5.09 -0.56 25.15
N PHE A 155 -5.17 -0.93 23.86
CA PHE A 155 -6.46 -1.20 23.17
C PHE A 155 -6.59 -2.64 22.65
N GLY A 156 -5.53 -3.44 22.73
CA GLY A 156 -5.50 -4.79 22.13
C GLY A 156 -5.01 -5.84 23.10
N GLY A 157 -4.88 -5.51 24.39
CA GLY A 157 -4.31 -6.42 25.41
C GLY A 157 -2.95 -6.96 25.00
N GLY A 158 -2.12 -6.14 24.35
CA GLY A 158 -0.76 -6.55 23.96
C GLY A 158 -0.69 -6.99 22.51
N LYS A 159 -1.82 -7.07 21.82
CA LYS A 159 -1.90 -7.53 20.41
C LYS A 159 -2.43 -6.42 19.51
N TYR A 160 -2.00 -6.38 18.25
CA TYR A 160 -2.55 -5.45 17.23
C TYR A 160 -3.84 -6.06 16.68
N ASN A 161 -4.95 -5.34 16.81
CA ASN A 161 -6.24 -5.81 16.27
C ASN A 161 -6.99 -4.58 15.72
N LEU A 162 -8.18 -4.76 15.18
CA LEU A 162 -8.89 -3.66 14.47
C LEU A 162 -9.23 -2.52 15.44
N THR A 163 -9.43 -2.79 16.73
CA THR A 163 -9.66 -1.74 17.76
C THR A 163 -8.42 -0.84 17.87
N VAL A 164 -7.25 -1.47 17.91
CA VAL A 164 -5.93 -0.78 17.94
C VAL A 164 -5.77 0.02 16.64
N ALA A 165 -6.07 -0.59 15.50
CA ALA A 165 -5.97 0.06 14.18
C ALA A 165 -6.77 1.35 14.26
N GLY A 166 -8.00 1.27 14.76
CA GLY A 166 -8.92 2.41 14.87
C GLY A 166 -8.30 3.55 15.66
N GLU A 167 -7.68 3.24 16.79
CA GLU A 167 -7.15 4.30 17.69
C GLU A 167 -5.86 4.87 17.07
N LEU A 168 -4.97 4.00 16.58
CA LEU A 168 -3.65 4.41 16.02
C LEU A 168 -3.82 5.21 14.73
N ARG A 169 -4.71 4.76 13.85
CA ARG A 169 -5.02 5.45 12.57
C ARG A 169 -5.30 6.92 12.90
N PHE A 170 -6.21 7.17 13.84
CA PHE A 170 -6.64 8.52 14.27
C PHE A 170 -5.47 9.29 14.90
N LYS A 171 -4.74 8.66 15.84
N LYS A 171 -4.73 8.65 15.82
CA LYS A 171 -3.55 9.24 16.51
CA LYS A 171 -3.55 9.25 16.51
C LYS A 171 -2.55 9.71 15.44
C LYS A 171 -2.53 9.71 15.47
N ARG A 172 -2.27 8.91 14.42
CA ARG A 172 -1.25 9.26 13.40
C ARG A 172 -1.74 10.48 12.63
N ILE A 173 -3.03 10.51 12.27
CA ILE A 173 -3.66 11.67 11.58
C ILE A 173 -3.47 12.91 12.47
N GLN A 174 -3.83 12.83 13.76
N GLN A 174 -3.88 12.80 13.75
CA GLN A 174 -3.82 14.00 14.67
CA GLN A 174 -3.80 13.90 14.75
C GLN A 174 -2.38 14.48 14.90
C GLN A 174 -2.38 14.46 14.80
N ASP A 175 -1.39 13.58 14.88
CA ASP A 175 0.05 13.94 15.01
C ASP A 175 0.51 14.67 13.73
N SER A 176 0.09 14.20 12.55
CA SER A 176 0.41 14.83 11.25
C SER A 176 -0.25 16.21 11.16
N ILE A 177 -1.49 16.35 11.67
CA ILE A 177 -2.19 17.66 11.69
C ILE A 177 -1.38 18.63 12.57
N ALA A 178 -0.86 18.14 13.70
CA ALA A 178 -0.19 18.93 14.75
C ALA A 178 1.21 19.35 14.31
N THR A 179 1.89 18.59 13.45
CA THR A 179 3.35 18.77 13.23
C THR A 179 3.74 18.89 11.75
N ASN A 180 2.91 18.45 10.81
CA ASN A 180 3.26 18.52 9.37
C ASN A 180 2.43 19.61 8.70
N PRO A 181 2.97 20.81 8.44
CA PRO A 181 2.19 21.88 7.81
C PRO A 181 1.78 21.56 6.36
N ASN A 182 2.31 20.47 5.84
CA ASN A 182 2.04 20.04 4.44
C ASN A 182 1.25 18.72 4.46
N PHE A 183 0.74 18.31 5.63
CA PHE A 183 -0.10 17.09 5.80
C PHE A 183 -1.18 17.06 4.73
N SER A 184 -1.24 15.98 3.93
CA SER A 184 -2.28 15.76 2.89
C SER A 184 -3.01 14.42 3.14
N PHE A 185 -4.34 14.47 3.23
CA PHE A 185 -5.18 13.29 3.57
C PHE A 185 -6.45 13.32 2.71
N VAL A 186 -6.27 13.20 1.40
CA VAL A 186 -7.38 13.31 0.40
C VAL A 186 -7.28 12.13 -0.57
N ASP A 187 -8.35 11.95 -1.35
CA ASP A 187 -8.47 10.99 -2.47
C ASP A 187 -7.77 9.67 -2.15
N PHE A 188 -6.78 9.30 -2.97
CA PHE A 188 -6.21 7.94 -2.98
C PHE A 188 -5.62 7.57 -1.60
N ARG A 189 -4.90 8.50 -0.97
CA ARG A 189 -4.23 8.28 0.33
C ARG A 189 -5.29 8.11 1.43
N PHE A 190 -6.32 8.94 1.47
CA PHE A 190 -7.44 8.85 2.44
C PHE A 190 -7.98 7.41 2.47
N PHE A 191 -8.12 6.78 1.31
CA PHE A 191 -8.66 5.40 1.17
C PHE A 191 -7.62 4.37 1.64
N THR A 192 -6.42 4.43 1.05
CA THR A 192 -5.38 3.39 1.30
C THR A 192 -4.97 3.43 2.79
N ALA A 193 -4.90 4.61 3.39
CA ALA A 193 -4.47 4.82 4.79
C ALA A 193 -5.35 3.98 5.73
N TYR A 194 -6.65 3.90 5.46
CA TYR A 194 -7.55 3.11 6.34
C TYR A 194 -7.32 1.62 6.04
N GLY A 195 -7.35 1.21 4.77
CA GLY A 195 -7.21 -0.22 4.46
C GLY A 195 -5.93 -0.82 5.01
N GLU A 196 -4.81 -0.07 4.93
CA GLU A 196 -3.45 -0.54 5.31
C GLU A 196 -3.43 -0.91 6.80
N THR A 197 -4.20 -0.22 7.66
CA THR A 197 -4.22 -0.48 9.12
C THR A 197 -4.88 -1.83 9.42
N THR A 198 -5.66 -2.40 8.49
CA THR A 198 -6.31 -3.73 8.68
C THR A 198 -5.34 -4.83 8.29
N PHE A 199 -4.41 -4.54 7.38
CA PHE A 199 -3.57 -5.57 6.73
C PHE A 199 -2.80 -6.37 7.76
N PRO A 200 -2.21 -5.77 8.81
CA PRO A 200 -1.51 -6.56 9.82
C PRO A 200 -2.46 -7.54 10.51
N ALA A 201 -3.68 -7.11 10.86
CA ALA A 201 -4.63 -7.99 11.58
C ALA A 201 -5.12 -9.10 10.64
N ASN A 202 -5.20 -8.82 9.34
CA ASN A 202 -5.81 -9.75 8.35
C ASN A 202 -4.76 -10.68 7.75
N LEU A 203 -3.51 -10.23 7.59
CA LEU A 203 -2.53 -10.91 6.70
C LEU A 203 -1.24 -11.30 7.44
N PHE A 204 -0.89 -10.65 8.55
CA PHE A 204 0.36 -10.96 9.31
C PHE A 204 0.08 -11.94 10.45
N VAL A 205 -1.19 -12.25 10.71
CA VAL A 205 -1.63 -13.25 11.73
C VAL A 205 -1.53 -14.63 11.08
N ASP A 206 -0.79 -15.53 11.71
CA ASP A 206 -0.64 -16.94 11.29
C ASP A 206 -2.03 -17.49 10.96
N GLY A 207 -2.21 -18.00 9.74
CA GLY A 207 -3.53 -18.44 9.22
C GLY A 207 -4.14 -19.59 9.99
N ARG A 208 -3.36 -20.35 10.76
CA ARG A 208 -3.89 -21.47 11.59
C ARG A 208 -4.68 -20.87 12.77
N ARG A 209 -4.43 -19.61 13.11
CA ARG A 209 -5.20 -18.88 14.16
C ARG A 209 -6.22 -17.97 13.48
N ASP A 210 -5.77 -17.10 12.57
CA ASP A 210 -6.61 -16.15 11.79
C ASP A 210 -7.57 -15.39 12.70
N ASP A 211 -7.12 -15.06 13.92
CA ASP A 211 -7.99 -14.54 15.01
C ASP A 211 -7.97 -13.01 14.99
N GLY A 212 -7.20 -12.39 14.08
CA GLY A 212 -7.10 -10.92 13.97
C GLY A 212 -6.35 -10.29 15.14
N GLN A 213 -5.58 -11.10 15.88
CA GLN A 213 -4.78 -10.64 17.06
C GLN A 213 -3.29 -10.79 16.71
N LEU A 214 -2.63 -9.72 16.28
CA LEU A 214 -1.20 -9.81 15.87
C LEU A 214 -0.28 -9.55 17.06
N ASP A 215 0.61 -10.49 17.37
CA ASP A 215 1.56 -10.35 18.52
C ASP A 215 2.70 -9.41 18.08
N MET A 216 3.42 -8.84 19.05
CA MET A 216 4.34 -7.71 18.80
C MET A 216 5.67 -8.23 18.25
N ASP A 217 5.99 -9.49 18.50
CA ASP A 217 7.19 -10.18 17.94
C ASP A 217 7.00 -10.35 16.43
N ALA A 218 5.88 -10.93 16.04
CA ALA A 218 5.51 -11.08 14.62
C ALA A 218 5.42 -9.67 13.99
N ALA A 219 4.73 -8.74 14.63
CA ALA A 219 4.60 -7.35 14.11
C ALA A 219 6.01 -6.82 13.82
N ARG A 220 6.96 -6.93 14.75
CA ARG A 220 8.30 -6.33 14.59
C ARG A 220 9.05 -7.00 13.43
N SER A 221 8.94 -8.32 13.34
CA SER A 221 9.59 -9.18 12.32
C SER A 221 9.14 -8.71 10.92
N PHE A 222 7.85 -8.49 10.71
CA PHE A 222 7.34 -7.97 9.42
C PHE A 222 7.77 -6.50 9.22
N PHE A 223 7.39 -5.61 10.13
CA PHE A 223 7.47 -4.14 9.94
C PHE A 223 8.92 -3.68 9.83
N GLN A 224 9.81 -4.28 10.63
CA GLN A 224 11.22 -3.85 10.74
C GLN A 224 12.10 -4.73 9.85
N PHE A 225 11.96 -6.05 9.92
CA PHE A 225 12.95 -6.96 9.29
C PHE A 225 12.45 -7.55 7.98
N SER A 226 11.19 -7.33 7.60
CA SER A 226 10.60 -7.88 6.35
C SER A 226 10.74 -9.40 6.42
N ARG A 227 10.47 -9.98 7.58
CA ARG A 227 10.81 -11.38 7.86
C ARG A 227 9.60 -12.06 8.47
N MET A 228 9.15 -13.14 7.85
CA MET A 228 8.06 -13.98 8.39
C MET A 228 8.54 -14.59 9.69
N PRO A 229 7.67 -14.72 10.72
CA PRO A 229 7.98 -15.62 11.83
C PRO A 229 8.36 -17.04 11.36
N ASP A 230 9.22 -17.72 12.13
CA ASP A 230 9.54 -19.13 11.87
C ASP A 230 8.21 -19.89 11.84
N ASP A 231 8.02 -20.75 10.83
CA ASP A 231 6.83 -21.61 10.62
C ASP A 231 5.58 -20.75 10.33
N PHE A 232 5.72 -19.54 9.79
CA PHE A 232 4.55 -18.68 9.47
C PHE A 232 3.66 -19.35 8.43
N PHE A 233 2.36 -19.48 8.73
CA PHE A 233 1.30 -19.93 7.79
C PHE A 233 0.57 -18.68 7.28
N ARG A 234 0.37 -18.57 5.98
CA ARG A 234 -0.45 -17.49 5.37
C ARG A 234 -1.90 -17.69 5.83
N ALA A 235 -2.71 -16.64 5.75
CA ALA A 235 -4.16 -16.63 6.05
C ALA A 235 -4.84 -17.80 5.33
N PRO A 236 -5.95 -18.31 5.91
CA PRO A 236 -6.61 -19.51 5.36
C PRO A 236 -7.57 -19.28 4.19
N SER A 237 -7.73 -18.04 3.75
CA SER A 237 -8.69 -17.63 2.69
C SER A 237 -8.26 -16.28 2.14
N PRO A 238 -8.64 -15.89 0.90
CA PRO A 238 -8.22 -14.61 0.35
C PRO A 238 -8.91 -13.45 1.07
N ARG A 239 -8.17 -12.39 1.36
CA ARG A 239 -8.73 -11.18 2.03
C ARG A 239 -7.73 -10.03 1.83
N SER A 240 -8.19 -8.82 2.12
CA SER A 240 -7.32 -7.62 2.19
C SER A 240 -7.84 -6.74 3.32
N GLY A 241 -8.81 -5.88 2.99
CA GLY A 241 -9.26 -4.76 3.85
C GLY A 241 -10.45 -5.05 4.74
N THR A 242 -10.86 -6.31 4.93
N THR A 242 -10.79 -6.34 4.96
CA THR A 242 -12.07 -6.65 5.73
CA THR A 242 -11.83 -6.80 5.90
C THR A 242 -11.85 -6.18 7.18
C THR A 242 -11.74 -6.04 7.22
N GLY A 243 -12.81 -5.44 7.71
CA GLY A 243 -12.79 -4.78 9.04
C GLY A 243 -12.41 -3.31 8.98
N VAL A 244 -12.11 -2.77 7.80
CA VAL A 244 -11.80 -1.32 7.63
C VAL A 244 -12.98 -0.50 8.16
N GLU A 245 -14.19 -1.05 8.11
CA GLU A 245 -15.40 -0.33 8.59
C GLU A 245 -15.24 -0.03 10.09
N VAL A 246 -14.62 -0.94 10.86
CA VAL A 246 -14.42 -0.76 12.33
C VAL A 246 -13.42 0.37 12.55
N VAL A 247 -12.39 0.42 11.71
CA VAL A 247 -11.31 1.46 11.78
C VAL A 247 -11.93 2.83 11.52
N VAL A 248 -12.76 2.99 10.48
CA VAL A 248 -13.41 4.28 10.13
C VAL A 248 -14.35 4.68 11.27
N GLN A 249 -15.15 3.74 11.73
CA GLN A 249 -16.23 3.97 12.72
C GLN A 249 -15.63 4.46 14.03
N ALA A 250 -14.41 4.06 14.37
CA ALA A 250 -13.75 4.47 15.63
C ALA A 250 -13.60 6.01 15.69
N HIS A 251 -13.25 6.64 14.57
CA HIS A 251 -12.97 8.11 14.51
C HIS A 251 -13.20 8.60 13.09
N PRO A 252 -14.46 8.74 12.65
CA PRO A 252 -14.73 9.09 11.25
C PRO A 252 -14.08 10.44 10.96
N MET A 253 -13.35 10.50 9.84
CA MET A 253 -12.60 11.70 9.40
C MET A 253 -13.08 12.09 7.99
N GLN A 254 -13.10 13.39 7.71
CA GLN A 254 -13.32 13.93 6.35
C GLN A 254 -11.95 14.09 5.69
N PRO A 255 -11.85 13.88 4.36
CA PRO A 255 -10.61 14.13 3.63
C PRO A 255 -10.28 15.63 3.66
N GLY A 256 -9.00 15.94 3.85
CA GLY A 256 -8.54 17.33 3.99
C GLY A 256 -7.03 17.43 3.98
N ARG A 257 -6.52 18.62 4.22
CA ARG A 257 -5.07 18.86 4.29
C ARG A 257 -4.80 20.04 5.22
N ASN A 258 -3.59 20.08 5.77
CA ASN A 258 -3.04 21.33 6.33
C ASN A 258 -2.81 22.27 5.15
N VAL A 259 -2.95 23.58 5.38
CA VAL A 259 -2.86 24.56 4.26
C VAL A 259 -1.58 25.40 4.40
N GLY A 260 -0.44 24.73 4.59
CA GLY A 260 0.89 25.38 4.74
C GLY A 260 1.22 25.72 6.19
N LYS A 261 0.39 25.29 7.14
CA LYS A 261 0.59 25.56 8.57
C LYS A 261 0.13 24.33 9.36
N ILE A 262 0.78 24.02 10.48
CA ILE A 262 0.24 23.04 11.47
C ILE A 262 -1.13 23.52 11.96
N ASN A 263 -1.99 22.58 12.37
CA ASN A 263 -3.30 22.85 13.00
C ASN A 263 -4.13 23.75 12.08
N SER A 264 -4.16 23.42 10.79
CA SER A 264 -4.95 24.16 9.77
C SER A 264 -5.67 23.14 8.88
N TYR A 265 -6.06 21.99 9.44
CA TYR A 265 -6.66 20.89 8.66
C TYR A 265 -7.95 21.41 8.01
N THR A 266 -8.01 21.44 6.70
CA THR A 266 -9.11 22.06 5.93
C THR A 266 -9.74 20.99 5.05
N VAL A 267 -11.03 20.74 5.25
CA VAL A 267 -11.75 19.72 4.45
C VAL A 267 -11.74 20.12 2.96
N ASP A 268 -11.53 19.14 2.10
CA ASP A 268 -11.51 19.30 0.62
C ASP A 268 -12.80 18.74 0.06
N PRO A 269 -13.77 19.58 -0.33
CA PRO A 269 -15.03 19.09 -0.89
C PRO A 269 -14.88 18.46 -2.29
N THR A 270 -13.72 18.68 -2.94
N THR A 270 -13.73 18.65 -2.96
CA THR A 270 -13.40 18.12 -4.28
CA THR A 270 -13.48 18.07 -4.30
C THR A 270 -12.84 16.70 -4.17
C THR A 270 -12.81 16.69 -4.17
N SER A 271 -12.40 16.31 -2.96
CA SER A 271 -11.88 14.94 -2.66
C SER A 271 -13.02 13.92 -2.72
N SER A 272 -12.69 12.71 -3.13
CA SER A 272 -13.49 11.50 -2.83
C SER A 272 -13.42 11.20 -1.34
N ASP A 273 -14.43 10.50 -0.84
CA ASP A 273 -14.45 9.88 0.52
C ASP A 273 -15.10 8.50 0.33
N PHE A 274 -15.42 7.84 1.43
CA PHE A 274 -16.04 6.48 1.41
C PHE A 274 -17.43 6.55 0.80
N SER A 275 -18.03 7.73 0.65
CA SER A 275 -19.39 7.87 0.06
C SER A 275 -19.31 7.87 -1.47
N THR A 276 -18.13 8.10 -2.04
CA THR A 276 -17.92 8.26 -3.49
C THR A 276 -16.72 7.44 -3.96
N PRO A 277 -16.75 6.12 -3.77
CA PRO A 277 -15.60 5.30 -4.13
C PRO A 277 -15.33 5.34 -5.65
N CYS A 278 -16.36 5.46 -6.47
CA CYS A 278 -16.15 5.59 -7.93
C CYS A 278 -15.36 6.87 -8.24
N LEU A 279 -15.63 7.95 -7.52
CA LEU A 279 -14.94 9.24 -7.75
C LEU A 279 -13.42 9.08 -7.55
N MET A 280 -13.02 8.40 -6.47
N MET A 280 -13.02 8.40 -6.47
CA MET A 280 -11.59 8.15 -6.12
CA MET A 280 -11.60 8.15 -6.12
C MET A 280 -10.89 7.53 -7.33
C MET A 280 -10.88 7.52 -7.33
N TYR A 281 -11.49 6.51 -7.96
CA TYR A 281 -10.97 5.86 -9.19
C TYR A 281 -10.91 6.90 -10.33
N GLU A 282 -11.99 7.65 -10.54
CA GLU A 282 -12.07 8.63 -11.65
C GLU A 282 -10.97 9.69 -11.46
N LYS A 283 -10.76 10.18 -10.24
CA LYS A 283 -9.77 11.28 -10.01
C LYS A 283 -8.36 10.71 -10.16
N PHE A 284 -8.15 9.49 -9.67
CA PHE A 284 -6.85 8.79 -9.78
C PHE A 284 -6.46 8.70 -11.27
N VAL A 285 -7.38 8.30 -12.15
CA VAL A 285 -7.08 8.07 -13.58
C VAL A 285 -7.01 9.44 -14.28
N ASN A 286 -7.99 10.31 -14.04
CA ASN A 286 -8.10 11.59 -14.79
C ASN A 286 -7.15 12.69 -14.31
N ILE A 287 -6.87 12.76 -13.01
CA ILE A 287 -6.04 13.85 -12.43
C ILE A 287 -4.61 13.32 -12.25
N THR A 288 -4.43 12.27 -11.42
CA THR A 288 -3.09 11.80 -11.02
C THR A 288 -2.35 11.21 -12.23
N VAL A 289 -2.89 10.17 -12.85
CA VAL A 289 -2.21 9.45 -13.96
C VAL A 289 -2.01 10.43 -15.13
N LYS A 290 -3.07 11.15 -15.53
CA LYS A 290 -3.03 12.09 -16.69
C LYS A 290 -2.03 13.22 -16.41
N SER A 291 -1.87 13.65 -15.17
CA SER A 291 -0.88 14.72 -14.83
C SER A 291 0.52 14.23 -15.12
N LEU A 292 0.84 12.98 -14.74
CA LEU A 292 2.18 12.39 -14.96
C LEU A 292 2.44 12.13 -16.45
N TYR A 293 1.40 11.88 -17.25
CA TYR A 293 1.51 11.62 -18.70
C TYR A 293 0.47 12.43 -19.46
N PRO A 294 0.63 13.77 -19.56
CA PRO A 294 -0.40 14.63 -20.16
C PRO A 294 -0.67 14.39 -21.65
N ASN A 295 0.39 14.21 -22.45
CA ASN A 295 0.30 14.00 -23.92
C ASN A 295 1.27 12.88 -24.31
N PRO A 296 0.97 11.62 -23.93
CA PRO A 296 1.98 10.56 -24.06
C PRO A 296 2.29 10.20 -25.52
N THR A 297 3.51 9.72 -25.77
CA THR A 297 3.93 9.13 -27.08
C THR A 297 3.15 7.84 -27.31
N VAL A 298 3.11 7.37 -28.57
CA VAL A 298 2.19 6.29 -29.01
C VAL A 298 2.47 5.00 -28.22
N GLN A 299 3.73 4.65 -27.95
CA GLN A 299 4.06 3.44 -27.17
C GLN A 299 3.61 3.62 -25.72
N LEU A 300 3.86 4.80 -25.13
CA LEU A 300 3.49 5.10 -23.72
C LEU A 300 1.96 5.06 -23.62
N ARG A 301 1.28 5.64 -24.60
CA ARG A 301 -0.20 5.69 -24.60
C ARG A 301 -0.75 4.26 -24.61
N LYS A 302 -0.21 3.40 -25.45
CA LYS A 302 -0.63 1.97 -25.51
C LYS A 302 -0.43 1.33 -24.13
N ALA A 303 0.76 1.45 -23.56
CA ALA A 303 1.10 0.87 -22.24
C ALA A 303 0.16 1.43 -21.16
N LEU A 304 -0.05 2.74 -21.15
CA LEU A 304 -1.01 3.41 -20.21
C LEU A 304 -2.40 2.76 -20.33
N ASN A 305 -2.98 2.73 -21.54
CA ASN A 305 -4.34 2.18 -21.78
C ASN A 305 -4.43 0.74 -21.28
N THR A 306 -3.41 -0.08 -21.57
CA THR A 306 -3.35 -1.51 -21.13
C THR A 306 -3.40 -1.56 -19.59
N ASN A 307 -2.56 -0.78 -18.92
CA ASN A 307 -2.45 -0.77 -17.43
C ASN A 307 -3.71 -0.18 -16.82
N LEU A 308 -4.35 0.79 -17.48
CA LEU A 308 -5.64 1.36 -17.01
C LEU A 308 -6.75 0.32 -17.13
N ASP A 309 -6.81 -0.45 -18.23
CA ASP A 309 -7.76 -1.59 -18.34
C ASP A 309 -7.54 -2.52 -17.14
N PHE A 310 -6.28 -2.84 -16.86
CA PHE A 310 -5.90 -3.80 -15.80
C PHE A 310 -6.34 -3.23 -14.46
N LEU A 311 -6.07 -1.94 -14.22
CA LEU A 311 -6.52 -1.21 -13.02
C LEU A 311 -8.02 -1.40 -12.83
N PHE A 312 -8.79 -1.18 -13.89
CA PHE A 312 -10.27 -1.20 -13.83
C PHE A 312 -10.77 -2.58 -13.40
N GLN A 313 -10.06 -3.67 -13.72
CA GLN A 313 -10.44 -5.03 -13.24
C GLN A 313 -10.46 -5.06 -11.71
N GLY A 314 -9.59 -4.28 -11.07
CA GLY A 314 -9.48 -4.22 -9.61
C GLY A 314 -10.52 -3.32 -9.00
N VAL A 315 -11.24 -2.54 -9.81
CA VAL A 315 -12.23 -1.54 -9.29
C VAL A 315 -13.52 -2.31 -8.99
N ALA A 316 -14.14 -2.06 -7.83
CA ALA A 316 -15.41 -2.70 -7.41
C ALA A 316 -16.49 -2.44 -8.47
N ALA A 317 -17.36 -3.43 -8.69
CA ALA A 317 -18.47 -3.34 -9.66
C ALA A 317 -19.38 -2.18 -9.24
N GLY A 318 -20.09 -1.61 -10.21
CA GLY A 318 -20.89 -0.39 -10.02
C GLY A 318 -20.20 0.84 -10.61
N CYS A 319 -18.88 0.81 -10.75
CA CYS A 319 -18.10 1.96 -11.29
C CYS A 319 -18.03 1.86 -12.81
N THR A 320 -18.05 3.02 -13.49
CA THR A 320 -17.89 3.17 -14.96
C THR A 320 -16.40 3.42 -15.26
N GLN A 321 -15.85 2.78 -16.30
CA GLN A 321 -14.43 2.97 -16.71
C GLN A 321 -14.29 4.37 -17.34
N VAL A 322 -13.27 5.12 -16.95
CA VAL A 322 -12.95 6.43 -17.57
C VAL A 322 -11.74 6.19 -18.49
N PHE A 323 -11.65 6.97 -19.57
CA PHE A 323 -10.66 6.78 -20.65
C PHE A 323 -9.98 8.11 -20.95
N PRO A 324 -8.89 8.49 -20.25
CA PRO A 324 -8.27 9.79 -20.49
C PRO A 324 -7.51 9.88 -21.82
N TYR A 325 -7.17 8.72 -22.39
CA TYR A 325 -6.42 8.64 -23.68
C TYR A 325 -7.33 8.07 -24.77
N GLY A 326 -8.63 7.96 -24.52
CA GLY A 326 -9.59 7.39 -25.49
C GLY A 326 -9.51 5.87 -25.52
N ARG A 327 -9.85 5.25 -26.65
CA ARG A 327 -9.89 3.78 -26.80
C ARG A 327 -9.10 3.38 -28.05
#